data_8Z7C
#
_entry.id   8Z7C
#
_cell.length_a   56.452
_cell.length_b   77.349
_cell.length_c   66.442
_cell.angle_alpha   90.00
_cell.angle_beta   90.21
_cell.angle_gamma   90.00
#
_symmetry.space_group_name_H-M   'P 1 21 1'
#
loop_
_entity.id
_entity.type
_entity.pdbx_description
1 polymer 'Histone-lysine N-methyltransferase EHMT2'
2 non-polymer 'ZINC ION'
3 non-polymer SINEFUNGIN
4 non-polymer 3,6,6-trimethyl-~{N}-[(2~{S})-1-[[4-(1-methylpiperidin-4-yl)oxyphenyl]amino]-1-oxidanylidene-hexan-2-yl]-4-oxidanylidene-5,7-dihydro-1~{H}-indole-2-carboxamide
5 water water
#
_entity_poly.entity_id   1
_entity_poly.type   'polypeptide(L)'
_entity_poly.pdbx_seq_one_letter_code
;GSNRAIRTEKIICRDVARGYENVPIPCVNGVDGEPCPEDYKYISENCETSTMNIDRNITHLQHCTCVDDCSSSNCLCGQL
SIRCWYDKDGRLLQEFNKIEPPLIFECNQACSCWRNCKNRVVQSGIKVRLQLYRTAKMGWGVRALQTIPQGTFICEYVGE
LISDAEADVREDDSYLFDLDNKDGEVYCIDARYYGNISRFINHLCDPNIIPVRVFMLHQDLRFPRIAFFSSRDIRTGEEL
GFDYGDRFWDIKSKYFTCQCGSEKCKHSAEAIALEQSRLARLD
;
_entity_poly.pdbx_strand_id   A,B
#
loop_
_chem_comp.id
_chem_comp.type
_chem_comp.name
_chem_comp.formula
A1L07 non-polymer 3,6,6-trimethyl-~{N}-[(2~{S})-1-[[4-(1-methylpiperidin-4-yl)oxyphenyl]amino]-1-oxidanylidene-hexan-2-yl]-4-oxidanylidene-5,7-dihydro-1~{H}-indole-2-carboxamide 'C30 H42 N4 O4'
SFG non-polymer SINEFUNGIN 'C15 H23 N7 O5'
ZN non-polymer 'ZINC ION' 'Zn 2'
#
# COMPACT_ATOMS: atom_id res chain seq x y z
N ILE A 6 -22.65 -6.03 39.28
CA ILE A 6 -21.39 -5.57 38.72
C ILE A 6 -21.05 -6.29 37.44
N ARG A 7 -21.00 -5.56 36.34
CA ARG A 7 -20.65 -6.15 35.05
C ARG A 7 -19.15 -6.15 34.89
N THR A 8 -18.60 -7.26 34.39
CA THR A 8 -17.18 -7.36 34.13
C THR A 8 -16.93 -7.29 32.64
N GLU A 9 -15.68 -7.06 32.27
CA GLU A 9 -15.35 -6.78 30.89
C GLU A 9 -15.18 -8.02 30.03
N LYS A 10 -15.85 -8.02 28.88
CA LYS A 10 -15.73 -9.10 27.91
C LYS A 10 -14.89 -8.65 26.71
N ILE A 11 -14.03 -9.52 26.21
CA ILE A 11 -13.37 -9.31 24.93
C ILE A 11 -14.32 -9.76 23.82
N ILE A 12 -14.72 -8.85 22.95
CA ILE A 12 -15.73 -9.21 21.97
C ILE A 12 -15.21 -9.23 20.55
N CYS A 13 -13.95 -8.81 20.37
CA CYS A 13 -13.26 -8.98 19.09
C CYS A 13 -11.77 -8.89 19.35
N ARG A 14 -10.99 -9.87 18.85
CA ARG A 14 -9.53 -9.80 19.01
C ARG A 14 -8.86 -8.74 18.14
N ASP A 15 -9.48 -8.41 17.01
CA ASP A 15 -8.90 -7.41 16.11
C ASP A 15 -9.95 -6.84 15.17
N VAL A 16 -10.42 -5.63 15.44
CA VAL A 16 -11.46 -5.06 14.58
C VAL A 16 -10.90 -4.75 13.19
N ALA A 17 -9.57 -4.74 13.06
CA ALA A 17 -8.93 -4.45 11.78
C ALA A 17 -8.68 -5.69 10.92
N ARG A 18 -9.04 -6.87 11.45
CA ARG A 18 -8.91 -8.14 10.71
C ARG A 18 -7.52 -8.35 10.13
N GLY A 19 -6.49 -8.02 10.91
CA GLY A 19 -5.12 -8.21 10.48
C GLY A 19 -4.54 -7.18 9.53
N TYR A 20 -5.28 -6.11 9.21
CA TYR A 20 -4.79 -5.13 8.26
C TYR A 20 -3.82 -4.09 8.83
N GLU A 21 -3.75 -3.95 10.16
CA GLU A 21 -2.79 -3.03 10.75
C GLU A 21 -1.54 -3.77 11.20
N ASN A 22 -0.53 -3.03 11.63
CA ASN A 22 0.71 -3.66 12.11
C ASN A 22 0.47 -4.45 13.38
N VAL A 23 -0.52 -4.01 14.15
CA VAL A 23 -0.87 -4.61 15.42
C VAL A 23 -2.37 -4.89 15.47
N PRO A 24 -2.80 -5.83 16.30
CA PRO A 24 -4.25 -6.03 16.45
C PRO A 24 -4.88 -4.90 17.26
N ILE A 25 -6.15 -4.62 17.01
CA ILE A 25 -6.86 -3.62 17.77
C ILE A 25 -8.10 -4.28 18.36
N PRO A 26 -7.98 -4.77 19.60
CA PRO A 26 -9.10 -5.52 20.16
C PRO A 26 -10.25 -4.61 20.60
N CYS A 27 -11.43 -5.20 20.74
CA CYS A 27 -12.60 -4.51 21.24
C CYS A 27 -13.12 -5.20 22.50
N VAL A 28 -13.37 -4.41 23.54
CA VAL A 28 -13.91 -4.92 24.81
C VAL A 28 -15.10 -4.09 25.27
N ASN A 29 -15.93 -4.70 26.12
CA ASN A 29 -17.09 -4.02 26.68
C ASN A 29 -17.33 -4.52 28.09
N GLY A 30 -17.16 -3.63 29.04
CA GLY A 30 -17.49 -3.92 30.43
C GLY A 30 -18.58 -3.02 30.97
N VAL A 31 -19.33 -2.38 30.06
CA VAL A 31 -20.33 -1.37 30.44
C VAL A 31 -21.77 -1.82 30.17
N ASP A 32 -22.02 -2.34 28.97
CA ASP A 32 -23.37 -2.74 28.58
C ASP A 32 -23.34 -3.96 27.67
N GLY A 33 -24.44 -4.21 26.96
CA GLY A 33 -24.54 -5.37 26.10
C GLY A 33 -24.31 -5.07 24.63
N GLU A 34 -23.77 -3.90 24.32
CA GLU A 34 -23.51 -3.52 22.93
C GLU A 34 -22.47 -4.44 22.32
N PRO A 35 -22.81 -5.06 21.17
CA PRO A 35 -21.90 -5.98 20.51
C PRO A 35 -20.81 -5.25 19.75
N CYS A 36 -19.81 -5.97 19.30
CA CYS A 36 -18.78 -5.40 18.45
C CYS A 36 -19.44 -4.61 17.31
N PRO A 37 -19.07 -3.33 17.16
CA PRO A 37 -19.74 -2.56 16.10
C PRO A 37 -19.49 -3.12 14.72
N GLU A 38 -20.56 -3.30 13.94
CA GLU A 38 -20.46 -3.88 12.61
C GLU A 38 -21.31 -3.14 11.58
N ASP A 39 -21.75 -1.94 11.92
CA ASP A 39 -22.51 -1.11 11.01
C ASP A 39 -21.60 -0.20 10.17
N TYR A 40 -20.40 -0.69 9.90
CA TYR A 40 -19.45 0.01 9.04
C TYR A 40 -18.51 -1.06 8.53
N LYS A 41 -17.70 -0.69 7.55
CA LYS A 41 -16.70 -1.59 7.00
C LYS A 41 -15.34 -1.09 7.43
N TYR A 42 -14.57 -1.91 8.16
CA TYR A 42 -13.23 -1.48 8.55
C TYR A 42 -12.29 -1.52 7.34
N ILE A 43 -11.64 -0.38 7.10
CA ILE A 43 -10.61 -0.26 6.07
C ILE A 43 -9.38 0.41 6.69
N SER A 44 -8.20 -0.06 6.30
CA SER A 44 -6.99 0.45 6.91
C SER A 44 -6.43 1.66 6.16
N GLU A 45 -6.91 1.88 4.93
CA GLU A 45 -6.49 3.01 4.11
C GLU A 45 -7.71 3.64 3.46
N ASN A 46 -7.62 4.93 3.12
CA ASN A 46 -8.76 5.65 2.56
C ASN A 46 -9.31 4.96 1.32
N CYS A 47 -10.62 5.06 1.13
CA CYS A 47 -11.23 4.49 -0.06
C CYS A 47 -11.97 5.56 -0.87
N GLU A 48 -12.37 5.16 -2.06
CA GLU A 48 -13.25 5.93 -2.94
C GLU A 48 -14.45 5.08 -3.28
N THR A 49 -15.60 5.72 -3.43
CA THR A 49 -16.79 5.05 -3.97
C THR A 49 -17.19 5.67 -5.31
N SER A 50 -16.63 6.83 -5.58
CA SER A 50 -16.61 7.41 -6.93
C SER A 50 -15.25 8.11 -7.05
N THR A 51 -14.72 8.23 -8.26
CA THR A 51 -13.32 8.63 -8.36
C THR A 51 -13.09 10.09 -8.01
N MET A 52 -11.99 10.32 -7.30
CA MET A 52 -11.56 11.65 -6.91
C MET A 52 -10.51 12.19 -7.87
N ASN A 53 -10.11 11.38 -8.85
CA ASN A 53 -9.01 11.74 -9.77
C ASN A 53 -7.79 12.27 -9.01
N ILE A 54 -7.36 11.53 -7.99
CA ILE A 54 -6.15 11.88 -7.25
C ILE A 54 -4.94 11.84 -8.17
N ASP A 55 -4.16 12.92 -8.17
CA ASP A 55 -2.95 12.99 -8.99
C ASP A 55 -1.89 12.05 -8.44
N ARG A 56 -1.62 10.97 -9.17
CA ARG A 56 -0.61 10.00 -8.76
C ARG A 56 0.53 9.88 -9.76
N ASN A 57 0.67 10.90 -10.61
CA ASN A 57 1.76 10.97 -11.56
C ASN A 57 3.09 11.10 -10.81
N ILE A 58 3.95 10.10 -10.94
CA ILE A 58 5.18 10.05 -10.15
C ILE A 58 6.11 11.22 -10.47
N THR A 59 5.99 11.77 -11.68
CA THR A 59 6.83 12.89 -12.07
C THR A 59 6.38 14.21 -11.43
N HIS A 60 5.21 14.24 -10.79
CA HIS A 60 4.76 15.45 -10.11
C HIS A 60 5.21 15.52 -8.65
N LEU A 61 5.86 14.46 -8.16
CA LEU A 61 6.35 14.44 -6.78
C LEU A 61 7.58 15.29 -6.59
N GLN A 62 7.55 16.18 -5.60
CA GLN A 62 8.78 16.75 -5.08
C GLN A 62 9.42 15.68 -4.19
N HIS A 63 10.73 15.57 -4.24
CA HIS A 63 11.44 14.46 -3.60
C HIS A 63 12.86 14.86 -3.27
N CYS A 64 13.49 14.10 -2.38
CA CYS A 64 14.85 14.43 -1.96
C CYS A 64 15.91 13.58 -2.66
N THR A 65 17.18 13.95 -2.44
CA THR A 65 18.31 13.29 -3.06
C THR A 65 19.22 12.62 -2.02
N CYS A 66 18.73 12.53 -0.79
CA CYS A 66 19.48 11.95 0.31
C CYS A 66 19.80 10.46 0.11
N VAL A 67 20.98 10.04 0.57
CA VAL A 67 21.27 8.61 0.63
C VAL A 67 21.55 8.20 2.08
N ASP A 68 21.42 9.16 2.98
CA ASP A 68 21.50 8.86 4.41
C ASP A 68 20.11 8.53 4.94
N ASP A 69 19.83 8.89 6.18
CA ASP A 69 18.55 8.61 6.80
C ASP A 69 17.63 9.82 6.75
N CYS A 70 17.99 10.79 5.91
CA CYS A 70 17.23 12.03 5.71
C CYS A 70 17.12 12.86 6.99
N SER A 71 18.12 12.75 7.86
CA SER A 71 18.11 13.52 9.11
C SER A 71 18.81 14.87 8.94
N SER A 72 19.41 15.09 7.77
CA SER A 72 20.13 16.34 7.52
C SER A 72 19.19 17.44 7.05
N SER A 73 19.67 18.69 7.10
CA SER A 73 18.84 19.81 6.68
C SER A 73 18.86 19.99 5.16
N ASN A 74 19.60 19.12 4.47
CA ASN A 74 19.63 19.13 3.01
C ASN A 74 18.47 18.34 2.40
N CYS A 75 17.71 17.66 3.26
CA CYS A 75 16.56 16.90 2.78
C CYS A 75 15.43 17.82 2.31
N LEU A 76 15.14 17.82 1.01
CA LEU A 76 14.07 18.70 0.50
C LEU A 76 12.71 18.40 1.12
N CYS A 77 12.45 17.13 1.38
CA CYS A 77 11.16 16.73 1.93
C CYS A 77 10.97 17.33 3.32
N GLY A 78 12.01 17.27 4.13
CA GLY A 78 11.97 17.90 5.45
C GLY A 78 11.81 19.41 5.34
N GLN A 79 12.38 20.00 4.29
CA GLN A 79 12.27 21.43 4.08
C GLN A 79 10.85 21.86 3.69
N LEU A 80 10.16 21.00 2.94
CA LEU A 80 8.78 21.27 2.51
C LEU A 80 7.77 21.16 3.66
N SER A 81 8.12 20.43 4.71
CA SER A 81 7.24 20.28 5.85
C SER A 81 7.12 21.63 6.56
N ILE A 82 5.89 22.02 6.88
CA ILE A 82 5.63 23.34 7.44
C ILE A 82 5.49 23.31 8.96
N ARG A 83 6.39 24.04 9.62
CA ARG A 83 6.32 24.27 11.06
C ARG A 83 6.30 22.99 11.88
N CYS A 84 6.98 21.96 11.41
CA CYS A 84 7.09 20.70 12.14
C CYS A 84 8.18 19.82 11.57
N TRP A 85 8.63 18.85 12.37
CA TRP A 85 9.66 17.91 11.96
C TRP A 85 9.66 16.68 12.86
N TYR A 86 10.27 15.60 12.37
CA TYR A 86 10.40 14.35 13.13
C TYR A 86 11.76 14.30 13.81
N ASP A 87 11.82 13.82 15.05
CA ASP A 87 13.12 13.64 15.67
C ASP A 87 13.65 12.24 15.35
N LYS A 88 14.78 11.87 15.92
CA LYS A 88 15.42 10.59 15.59
C LYS A 88 14.59 9.38 15.99
N ASP A 89 13.60 9.59 16.87
CA ASP A 89 12.76 8.49 17.34
C ASP A 89 11.41 8.45 16.61
N GLY A 90 11.24 9.32 15.61
CA GLY A 90 10.01 9.34 14.85
C GLY A 90 8.90 10.13 15.50
N ARG A 91 9.26 11.00 16.44
CA ARG A 91 8.26 11.80 17.14
C ARG A 91 8.17 13.19 16.54
N LEU A 92 6.95 13.72 16.49
CA LEU A 92 6.68 14.99 15.86
C LEU A 92 6.89 16.14 16.83
N LEU A 93 7.64 17.15 16.39
CA LEU A 93 7.76 18.40 17.11
C LEU A 93 7.13 19.51 16.28
N GLN A 94 6.51 20.48 16.94
CA GLN A 94 6.02 21.67 16.24
C GLN A 94 6.70 22.94 16.77
N GLU A 100 -1.52 29.04 11.92
CA GLU A 100 -1.00 28.37 10.74
C GLU A 100 -0.63 26.93 11.05
N PRO A 101 -1.57 26.00 10.80
CA PRO A 101 -1.41 24.57 11.12
C PRO A 101 -0.22 23.93 10.42
N PRO A 102 0.38 22.90 11.04
CA PRO A 102 1.55 22.24 10.47
C PRO A 102 1.18 21.44 9.22
N LEU A 103 2.17 21.13 8.40
CA LEU A 103 1.97 20.30 7.22
C LEU A 103 3.18 19.39 7.06
N ILE A 104 2.95 18.08 6.96
CA ILE A 104 4.05 17.14 6.82
C ILE A 104 4.21 16.61 5.38
N PHE A 105 5.39 16.75 4.81
CA PHE A 105 5.75 16.06 3.58
C PHE A 105 6.73 14.93 3.90
N GLU A 106 6.24 13.69 3.89
CA GLU A 106 7.12 12.54 4.10
C GLU A 106 7.84 12.21 2.82
N CYS A 107 8.88 11.39 2.96
CA CYS A 107 9.56 10.89 1.76
C CYS A 107 8.65 9.94 1.01
N ASN A 108 8.97 9.72 -0.26
CA ASN A 108 8.11 8.98 -1.16
C ASN A 108 8.91 8.12 -2.14
N GLN A 109 8.22 7.49 -3.08
CA GLN A 109 8.84 6.53 -3.98
C GLN A 109 9.75 7.21 -5.02
N ALA A 110 9.69 8.54 -5.12
CA ALA A 110 10.57 9.26 -6.05
C ALA A 110 11.87 9.65 -5.37
N CYS A 111 11.87 9.72 -4.03
CA CYS A 111 13.10 10.04 -3.30
C CYS A 111 14.20 9.01 -3.53
N SER A 112 15.45 9.45 -3.46
CA SER A 112 16.57 8.52 -3.63
C SER A 112 16.91 7.75 -2.35
N CYS A 113 16.30 8.15 -1.24
CA CYS A 113 16.59 7.54 0.05
C CYS A 113 15.93 6.16 0.20
N TRP A 114 16.26 5.46 1.29
CA TRP A 114 15.69 4.14 1.56
C TRP A 114 14.32 4.22 2.23
N ARG A 115 13.58 3.11 2.17
CA ARG A 115 12.25 3.02 2.73
C ARG A 115 12.24 3.22 4.24
N ASN A 116 13.39 3.03 4.88
CA ASN A 116 13.46 3.14 6.34
C ASN A 116 14.15 4.42 6.82
N CYS A 117 14.09 5.49 6.03
CA CYS A 117 14.64 6.76 6.45
C CYS A 117 13.80 7.38 7.56
N LYS A 118 14.28 8.48 8.12
CA LYS A 118 13.66 9.14 9.27
C LYS A 118 12.40 9.91 8.93
N ASN A 119 12.05 9.99 7.65
CA ASN A 119 10.89 10.79 7.24
C ASN A 119 9.78 9.89 6.66
N ARG A 120 9.43 8.85 7.41
CA ARG A 120 8.48 7.82 6.97
C ARG A 120 7.52 7.37 8.06
N VAL A 121 7.28 8.22 9.05
CA VAL A 121 6.56 7.78 10.24
C VAL A 121 5.11 7.36 9.95
N VAL A 122 4.34 8.23 9.33
CA VAL A 122 2.93 7.94 9.10
C VAL A 122 2.75 6.80 8.10
N GLN A 123 3.55 6.80 7.04
CA GLN A 123 3.40 5.75 6.02
C GLN A 123 3.80 4.37 6.55
N SER A 124 4.48 4.31 7.69
CA SER A 124 4.88 3.04 8.29
C SER A 124 3.82 2.44 9.20
N GLY A 125 2.74 3.18 9.45
CA GLY A 125 1.56 2.62 10.10
C GLY A 125 1.55 2.63 11.61
N ILE A 126 0.53 1.98 12.18
CA ILE A 126 0.31 2.00 13.62
C ILE A 126 1.40 1.21 14.35
N LYS A 127 1.98 1.81 15.38
CA LYS A 127 2.97 1.11 16.20
C LYS A 127 2.51 1.01 17.67
N VAL A 128 1.66 1.94 18.11
CA VAL A 128 1.22 1.90 19.50
C VAL A 128 0.05 0.93 19.66
N ARG A 129 -0.11 0.41 20.86
CA ARG A 129 -1.21 -0.51 21.17
C ARG A 129 -2.44 0.25 21.69
N LEU A 130 -3.55 0.07 20.97
CA LEU A 130 -4.82 0.75 21.21
C LEU A 130 -5.90 -0.26 21.50
N GLN A 131 -6.96 0.19 22.18
CA GLN A 131 -8.11 -0.68 22.43
C GLN A 131 -9.41 0.07 22.17
N LEU A 132 -10.30 -0.57 21.43
CA LEU A 132 -11.67 -0.08 21.27
C LEU A 132 -12.45 -0.56 22.48
N TYR A 133 -13.07 0.36 23.22
CA TYR A 133 -13.79 -0.04 24.43
C TYR A 133 -15.06 0.75 24.59
N ARG A 134 -15.97 0.23 25.41
CA ARG A 134 -17.24 0.86 25.69
C ARG A 134 -17.07 1.83 26.84
N THR A 135 -17.33 3.10 26.57
CA THR A 135 -17.28 4.15 27.58
C THR A 135 -18.59 4.19 28.35
N ALA A 136 -18.58 4.92 29.46
CA ALA A 136 -19.77 5.01 30.30
C ALA A 136 -20.87 5.86 29.68
N LYS A 137 -20.50 6.93 28.98
CA LYS A 137 -21.46 7.94 28.54
C LYS A 137 -21.33 8.39 27.08
N MET A 138 -20.26 7.94 26.41
CA MET A 138 -19.95 8.45 25.08
C MET A 138 -19.93 7.39 23.99
N GLY A 139 -20.57 6.26 24.24
CA GLY A 139 -20.58 5.15 23.31
C GLY A 139 -19.23 4.47 23.27
N TRP A 140 -18.81 4.02 22.09
CA TRP A 140 -17.47 3.48 21.91
C TRP A 140 -16.41 4.58 21.98
N GLY A 141 -15.24 4.23 22.49
CA GLY A 141 -14.10 5.12 22.48
C GLY A 141 -12.82 4.32 22.26
N VAL A 142 -11.70 5.03 22.19
CA VAL A 142 -10.42 4.38 21.99
C VAL A 142 -9.49 4.79 23.11
N ARG A 143 -8.81 3.83 23.74
CA ARG A 143 -7.86 4.15 24.80
C ARG A 143 -6.50 3.52 24.56
N ALA A 144 -5.48 4.11 25.19
CA ALA A 144 -4.13 3.60 25.11
C ALA A 144 -3.93 2.33 25.94
N LEU A 145 -3.19 1.36 25.39
CA LEU A 145 -2.79 0.17 26.15
C LEU A 145 -1.33 0.24 26.58
N GLN A 146 -0.74 1.42 26.44
CA GLN A 146 0.68 1.60 26.76
C GLN A 146 0.93 3.07 27.02
N THR A 147 2.09 3.38 27.60
CA THR A 147 2.53 4.75 27.63
C THR A 147 2.81 5.20 26.20
N ILE A 148 2.28 6.36 25.83
CA ILE A 148 2.57 6.95 24.53
C ILE A 148 3.24 8.29 24.74
N PRO A 149 4.55 8.37 24.51
CA PRO A 149 5.26 9.65 24.69
C PRO A 149 4.70 10.75 23.79
N GLN A 150 4.77 11.99 24.25
CA GLN A 150 4.39 13.14 23.44
C GLN A 150 5.02 13.10 22.04
N GLY A 151 4.23 13.39 21.02
CA GLY A 151 4.72 13.49 19.65
C GLY A 151 4.70 12.18 18.88
N THR A 152 4.20 11.12 19.51
CA THR A 152 4.17 9.81 18.88
C THR A 152 3.00 9.70 17.91
N PHE A 153 3.26 9.15 16.72
CA PHE A 153 2.18 8.84 15.80
C PHE A 153 1.27 7.76 16.37
N ILE A 154 -0.03 8.00 16.28
CA ILE A 154 -1.00 7.08 16.85
C ILE A 154 -1.76 6.33 15.77
N CYS A 155 -2.43 7.05 14.89
CA CYS A 155 -3.20 6.44 13.81
C CYS A 155 -3.67 7.51 12.84
N GLU A 156 -4.11 7.07 11.67
CA GLU A 156 -4.61 7.95 10.62
C GLU A 156 -6.14 8.03 10.68
N TYR A 157 -6.70 9.19 10.32
CA TYR A 157 -8.15 9.29 10.17
C TYR A 157 -8.48 8.78 8.77
N VAL A 158 -9.00 7.56 8.72
CA VAL A 158 -9.27 6.87 7.47
C VAL A 158 -10.76 6.74 7.20
N GLY A 159 -11.13 6.98 5.94
CA GLY A 159 -12.50 6.77 5.53
C GLY A 159 -12.68 6.94 4.03
N GLU A 160 -13.90 7.28 3.67
CA GLU A 160 -14.32 7.46 2.29
C GLU A 160 -14.11 8.91 1.86
N LEU A 161 -13.33 9.11 0.79
CA LEU A 161 -13.09 10.45 0.25
C LEU A 161 -14.34 10.94 -0.47
N ILE A 162 -14.86 12.08 -0.06
CA ILE A 162 -16.06 12.62 -0.71
C ILE A 162 -15.93 14.11 -0.92
N SER A 163 -16.72 14.62 -1.87
CA SER A 163 -16.75 16.05 -2.14
C SER A 163 -17.54 16.80 -1.08
N ASP A 164 -17.31 18.11 -1.06
CA ASP A 164 -18.08 19.07 -0.29
C ASP A 164 -19.58 18.88 -0.52
N ALA A 165 -19.97 18.80 -1.79
CA ALA A 165 -21.37 18.64 -2.16
C ALA A 165 -21.95 17.34 -1.60
N GLU A 166 -21.21 16.26 -1.72
CA GLU A 166 -21.66 14.96 -1.23
C GLU A 166 -21.81 15.00 0.29
N ALA A 167 -20.87 15.65 0.98
CA ALA A 167 -20.95 15.81 2.43
C ALA A 167 -22.25 16.52 2.83
N ASP A 168 -22.66 17.48 2.01
CA ASP A 168 -23.85 18.28 2.32
C ASP A 168 -25.16 17.48 2.29
N VAL A 169 -25.22 16.41 1.49
CA VAL A 169 -26.47 15.70 1.34
C VAL A 169 -26.55 14.44 2.20
N ARG A 170 -25.47 14.10 2.90
CA ARG A 170 -25.48 12.90 3.71
C ARG A 170 -26.13 13.11 5.07
N GLU A 171 -26.91 12.13 5.50
CA GLU A 171 -27.68 12.22 6.72
C GLU A 171 -26.81 12.33 7.98
N ASP A 172 -25.90 11.37 8.12
CA ASP A 172 -25.12 11.25 9.35
C ASP A 172 -23.71 11.81 9.17
N ASP A 173 -23.40 12.88 9.90
CA ASP A 173 -22.10 13.52 9.84
C ASP A 173 -21.28 13.30 11.12
N SER A 174 -21.66 12.31 11.91
CA SER A 174 -20.97 11.99 13.16
C SER A 174 -19.56 11.45 12.95
N TYR A 175 -19.21 11.14 11.71
CA TYR A 175 -17.91 10.57 11.38
C TYR A 175 -17.27 11.33 10.23
N LEU A 176 -17.67 12.60 10.08
CA LEU A 176 -17.23 13.40 8.94
C LEU A 176 -16.08 14.33 9.30
N PHE A 177 -14.98 14.24 8.55
CA PHE A 177 -13.80 15.07 8.79
C PHE A 177 -13.52 15.97 7.59
N ASP A 178 -13.50 17.27 7.87
CA ASP A 178 -13.26 18.30 6.87
C ASP A 178 -11.76 18.57 6.76
N LEU A 179 -11.20 18.37 5.57
CA LEU A 179 -9.76 18.49 5.37
C LEU A 179 -9.29 19.94 5.41
N ASP A 180 -10.23 20.86 5.34
CA ASP A 180 -9.99 22.29 5.56
C ASP A 180 -9.13 22.90 4.44
N ASN A 181 -9.39 22.48 3.20
CA ASN A 181 -8.69 23.02 2.03
C ASN A 181 -8.96 24.50 1.88
N GLY A 184 -9.14 26.31 -2.98
CA GLY A 184 -9.16 25.16 -3.87
C GLY A 184 -10.41 24.32 -3.69
N GLU A 185 -10.42 23.14 -4.32
CA GLU A 185 -11.55 22.24 -4.20
C GLU A 185 -11.63 21.69 -2.77
N VAL A 186 -12.85 21.56 -2.24
CA VAL A 186 -13.06 21.13 -0.85
C VAL A 186 -13.49 19.66 -0.78
N TYR A 187 -12.74 18.87 0.00
CA TYR A 187 -13.05 17.45 0.17
C TYR A 187 -13.10 17.07 1.65
N CYS A 188 -13.80 15.97 1.92
CA CYS A 188 -13.94 15.44 3.27
C CYS A 188 -13.60 13.96 3.30
N ILE A 189 -13.30 13.47 4.50
CA ILE A 189 -13.23 12.04 4.75
C ILE A 189 -14.43 11.66 5.60
N ASP A 190 -15.31 10.85 5.04
CA ASP A 190 -16.48 10.38 5.78
C ASP A 190 -16.21 8.96 6.25
N ALA A 191 -16.12 8.76 7.56
CA ALA A 191 -15.88 7.42 8.08
C ALA A 191 -17.16 6.71 8.53
N ARG A 192 -18.31 7.19 8.08
CA ARG A 192 -19.58 6.57 8.52
C ARG A 192 -19.71 5.14 8.02
N TYR A 193 -19.45 4.92 6.73
CA TYR A 193 -19.70 3.62 6.12
C TYR A 193 -18.43 2.80 5.99
N TYR A 194 -17.33 3.49 5.73
CA TYR A 194 -16.01 2.89 5.62
C TYR A 194 -15.07 3.69 6.50
N GLY A 195 -14.39 3.04 7.43
CA GLY A 195 -13.45 3.76 8.29
C GLY A 195 -12.52 2.85 9.05
N ASN A 196 -11.56 3.43 9.77
CA ASN A 196 -10.68 2.65 10.63
C ASN A 196 -10.94 2.99 12.09
N ILE A 197 -9.97 2.66 12.96
CA ILE A 197 -10.14 2.83 14.40
C ILE A 197 -10.42 4.28 14.79
N SER A 198 -9.99 5.21 13.96
CA SER A 198 -10.13 6.64 14.26
C SER A 198 -11.58 7.12 14.35
N ARG A 199 -12.48 6.39 13.70
CA ARG A 199 -13.89 6.81 13.67
C ARG A 199 -14.49 6.73 15.08
N PHE A 200 -13.84 5.96 15.94
CA PHE A 200 -14.32 5.74 17.29
C PHE A 200 -13.69 6.68 18.32
N ILE A 201 -12.76 7.52 17.90
CA ILE A 201 -12.11 8.46 18.82
C ILE A 201 -13.05 9.62 19.14
N ASN A 202 -13.32 9.79 20.44
CA ASN A 202 -14.27 10.79 20.89
C ASN A 202 -13.65 12.18 21.02
N HIS A 203 -14.52 13.17 21.20
CA HIS A 203 -14.09 14.53 21.49
C HIS A 203 -13.73 14.68 22.96
N LEU A 204 -12.62 15.36 23.22
CA LEU A 204 -12.24 15.73 24.57
C LEU A 204 -11.90 17.21 24.61
N CYS A 205 -12.41 17.91 25.62
CA CYS A 205 -12.11 19.32 25.82
C CYS A 205 -10.70 19.47 26.39
N ASP A 206 -10.19 18.39 26.98
CA ASP A 206 -8.77 18.28 27.35
CA ASP A 206 -8.77 18.31 27.32
C ASP A 206 -8.12 17.25 26.44
N PRO A 207 -7.94 17.57 25.15
CA PRO A 207 -7.45 16.57 24.21
C PRO A 207 -6.01 16.13 24.45
N ASN A 208 -5.70 14.90 24.04
CA ASN A 208 -4.33 14.41 24.14
C ASN A 208 -3.76 13.97 22.80
N ILE A 209 -4.54 14.13 21.72
CA ILE A 209 -3.99 13.93 20.40
C ILE A 209 -4.39 15.08 19.49
N ILE A 210 -3.64 15.28 18.42
CA ILE A 210 -3.93 16.33 17.45
C ILE A 210 -3.83 15.78 16.04
N PRO A 211 -4.78 16.16 15.18
CA PRO A 211 -4.71 15.80 13.77
C PRO A 211 -3.75 16.70 13.01
N VAL A 212 -2.92 16.10 12.17
CA VAL A 212 -1.98 16.82 11.34
C VAL A 212 -2.09 16.37 9.90
N ARG A 213 -2.12 17.33 8.98
CA ARG A 213 -2.16 17.05 7.56
C ARG A 213 -0.82 16.52 7.04
N VAL A 214 -0.87 15.46 6.23
CA VAL A 214 0.35 14.78 5.78
C VAL A 214 0.23 14.37 4.31
N PHE A 215 1.35 14.48 3.57
CA PHE A 215 1.47 13.91 2.23
C PHE A 215 2.53 12.82 2.20
N MET A 216 2.26 11.75 1.48
CA MET A 216 3.14 10.59 1.44
C MET A 216 3.36 10.13 0.00
N LEU A 217 2.52 9.23 -0.51
CA LEU A 217 2.78 8.62 -1.81
C LEU A 217 2.19 9.40 -3.00
N HIS A 218 1.46 10.48 -2.68
CA HIS A 218 1.06 11.47 -3.68
C HIS A 218 1.17 12.85 -3.05
N GLN A 219 1.16 13.88 -3.88
CA GLN A 219 1.20 15.25 -3.39
C GLN A 219 0.12 16.06 -4.07
N ASP A 220 -1.03 15.41 -4.25
CA ASP A 220 -2.25 16.11 -4.67
C ASP A 220 -2.75 16.93 -3.49
N LEU A 221 -2.54 18.24 -3.55
CA LEU A 221 -2.77 19.10 -2.39
C LEU A 221 -4.23 19.19 -1.96
N ARG A 222 -5.13 18.72 -2.80
CA ARG A 222 -6.54 18.65 -2.44
C ARG A 222 -6.83 17.58 -1.39
N PHE A 223 -5.91 16.63 -1.26
CA PHE A 223 -6.14 15.42 -0.49
C PHE A 223 -5.05 15.14 0.54
N PRO A 224 -4.89 16.05 1.50
CA PRO A 224 -4.02 15.67 2.61
C PRO A 224 -4.59 14.48 3.34
N ARG A 225 -3.71 13.64 3.88
CA ARG A 225 -4.14 12.59 4.78
C ARG A 225 -4.02 13.13 6.19
N ILE A 226 -4.79 12.56 7.11
CA ILE A 226 -4.88 13.10 8.47
C ILE A 226 -4.24 12.15 9.47
N ALA A 227 -3.17 12.59 10.11
CA ALA A 227 -2.45 11.75 11.08
C ALA A 227 -2.60 12.30 12.48
N PHE A 228 -2.98 11.44 13.42
CA PHE A 228 -3.01 11.83 14.83
C PHE A 228 -1.68 11.58 15.54
N PHE A 229 -1.19 12.60 16.24
CA PHE A 229 0.00 12.50 17.07
C PHE A 229 -0.38 12.86 18.48
N SER A 230 0.22 12.21 19.48
CA SER A 230 -0.05 12.62 20.86
C SER A 230 0.48 14.04 21.12
N SER A 231 -0.26 14.81 21.91
CA SER A 231 0.14 16.19 22.19
C SER A 231 0.77 16.29 23.57
N ARG A 232 0.80 15.15 24.27
CA ARG A 232 1.40 15.06 25.59
C ARG A 232 1.72 13.60 25.83
N ASP A 233 2.45 13.29 26.90
CA ASP A 233 2.60 11.91 27.31
C ASP A 233 1.24 11.36 27.74
N ILE A 234 0.87 10.20 27.19
CA ILE A 234 -0.39 9.54 27.53
C ILE A 234 -0.09 8.26 28.30
N ARG A 235 -0.82 8.00 29.37
CA ARG A 235 -0.62 6.78 30.15
C ARG A 235 -1.58 5.66 29.74
N THR A 236 -1.19 4.42 29.99
CA THR A 236 -2.05 3.27 29.75
C THR A 236 -3.42 3.50 30.35
N GLY A 237 -4.45 3.21 29.56
CA GLY A 237 -5.82 3.28 30.06
C GLY A 237 -6.50 4.59 29.76
N GLU A 238 -5.73 5.62 29.41
CA GLU A 238 -6.34 6.91 29.14
C GLU A 238 -7.11 6.87 27.84
N GLU A 239 -8.30 7.48 27.84
CA GLU A 239 -9.04 7.60 26.60
C GLU A 239 -8.35 8.59 25.67
N LEU A 240 -8.22 8.23 24.39
CA LEU A 240 -7.72 9.15 23.39
C LEU A 240 -8.82 10.07 22.93
N GLY A 241 -8.48 11.33 22.71
CA GLY A 241 -9.45 12.28 22.20
C GLY A 241 -8.79 13.49 21.58
N PHE A 242 -9.45 14.06 20.57
CA PHE A 242 -9.01 15.32 20.02
C PHE A 242 -10.15 16.33 20.11
N ASP A 243 -9.79 17.60 19.89
CA ASP A 243 -10.79 18.66 19.85
C ASP A 243 -11.48 18.62 18.49
N TYR A 244 -12.74 18.18 18.50
CA TYR A 244 -13.55 18.11 17.27
C TYR A 244 -13.70 19.49 16.64
N GLY A 245 -13.65 20.53 17.46
CA GLY A 245 -13.78 21.89 16.95
C GLY A 245 -15.16 22.50 17.18
N ASP A 246 -15.22 23.83 17.13
CA ASP A 246 -16.46 24.55 17.44
C ASP A 246 -17.53 24.34 16.39
N ARG A 247 -17.13 24.17 15.13
CA ARG A 247 -18.07 23.94 14.04
C ARG A 247 -18.96 22.74 14.32
N PHE A 248 -18.33 21.62 14.71
CA PHE A 248 -19.04 20.40 15.06
C PHE A 248 -20.03 20.66 16.19
N TRP A 249 -19.58 21.36 17.21
CA TRP A 249 -20.40 21.52 18.41
C TRP A 249 -21.50 22.56 18.23
N ASP A 250 -21.29 23.56 17.39
CA ASP A 250 -22.34 24.51 17.04
C ASP A 250 -23.53 23.76 16.44
N ILE A 251 -23.23 22.75 15.63
CA ILE A 251 -24.26 21.90 15.04
C ILE A 251 -24.86 20.92 16.05
N LYS A 252 -24.00 20.24 16.79
CA LYS A 252 -24.42 19.08 17.58
C LYS A 252 -24.96 19.40 18.98
N SER A 253 -24.56 20.52 19.57
CA SER A 253 -24.91 20.81 20.96
C SER A 253 -26.42 20.89 21.19
N LYS A 254 -27.19 21.10 20.13
CA LYS A 254 -28.64 21.13 20.24
C LYS A 254 -29.19 19.74 20.52
N TYR A 255 -28.43 18.72 20.12
CA TYR A 255 -28.90 17.33 20.17
C TYR A 255 -28.28 16.53 21.32
N PHE A 256 -27.06 16.87 21.70
CA PHE A 256 -26.41 16.26 22.85
C PHE A 256 -25.29 17.17 23.34
N THR A 257 -24.94 17.08 24.61
CA THR A 257 -23.91 17.94 25.16
C THR A 257 -22.66 17.13 25.48
N CYS A 258 -21.55 17.82 25.72
CA CYS A 258 -20.28 17.14 25.91
C CYS A 258 -20.23 16.43 27.25
N GLN A 259 -19.78 15.18 27.22
CA GLN A 259 -19.72 14.36 28.42
C GLN A 259 -18.28 14.09 28.85
N CYS A 260 -17.34 14.89 28.35
CA CYS A 260 -15.92 14.60 28.57
C CYS A 260 -15.52 14.73 30.04
N GLY A 261 -16.22 15.57 30.80
CA GLY A 261 -16.02 15.61 32.24
C GLY A 261 -14.88 16.51 32.68
N SER A 262 -14.33 17.26 31.73
CA SER A 262 -13.23 18.17 32.02
C SER A 262 -13.67 19.30 32.92
N GLU A 263 -12.78 19.73 33.82
CA GLU A 263 -13.02 20.90 34.65
C GLU A 263 -13.26 22.13 33.81
N LYS A 264 -12.74 22.12 32.58
CA LYS A 264 -12.86 23.26 31.69
C LYS A 264 -13.57 22.86 30.41
N CYS A 265 -14.54 21.97 30.54
CA CYS A 265 -15.36 21.55 29.42
C CYS A 265 -16.04 22.77 28.82
N LYS A 266 -16.02 22.85 27.49
CA LYS A 266 -16.52 24.02 26.77
C LYS A 266 -17.91 23.79 26.21
N HIS A 267 -18.36 22.54 26.22
CA HIS A 267 -19.57 22.18 25.49
C HIS A 267 -20.56 21.37 26.31
N SER A 268 -20.41 21.39 27.63
CA SER A 268 -21.35 20.72 28.50
C SER A 268 -22.64 21.51 28.61
N ALA A 269 -23.69 20.89 29.13
CA ALA A 269 -24.95 21.56 29.41
C ALA A 269 -24.68 22.75 30.33
N GLU A 270 -23.78 22.55 31.28
CA GLU A 270 -23.38 23.60 32.20
C GLU A 270 -22.76 24.78 31.45
N ALA A 271 -21.84 24.48 30.54
CA ALA A 271 -21.14 25.52 29.80
C ALA A 271 -22.09 26.26 28.87
N ILE A 272 -23.05 25.52 28.31
CA ILE A 272 -24.02 26.06 27.39
C ILE A 272 -24.97 27.02 28.11
N ALA A 273 -25.39 26.62 29.30
CA ALA A 273 -26.25 27.45 30.14
C ALA A 273 -25.60 28.82 30.40
N LEU A 274 -24.32 28.81 30.76
CA LEU A 274 -23.56 30.05 30.97
C LEU A 274 -23.53 30.94 29.72
N GLU A 275 -23.20 30.33 28.59
CA GLU A 275 -23.10 31.08 27.34
C GLU A 275 -24.45 31.67 26.94
N GLN A 276 -25.51 30.89 27.06
CA GLN A 276 -26.85 31.39 26.78
C GLN A 276 -27.26 32.45 27.79
N SER A 277 -26.67 32.40 28.97
CA SER A 277 -26.94 33.36 30.04
C SER A 277 -26.23 34.69 29.76
N ARG A 278 -24.96 34.60 29.37
CA ARG A 278 -24.17 35.79 29.06
C ARG A 278 -24.81 36.60 27.95
N LEU A 279 -25.11 35.94 26.83
CA LEU A 279 -25.73 36.59 25.69
C LEU A 279 -27.22 36.88 25.96
N ARG B 7 38.86 -13.82 -11.36
CA ARG B 7 38.24 -12.57 -10.95
C ARG B 7 37.32 -12.77 -9.74
N THR B 8 37.43 -11.88 -8.77
CA THR B 8 36.62 -11.95 -7.55
C THR B 8 35.18 -11.52 -7.84
N GLU B 9 34.23 -12.22 -7.25
CA GLU B 9 32.85 -11.77 -7.28
C GLU B 9 32.65 -10.61 -6.32
N LYS B 10 32.42 -9.43 -6.88
CA LYS B 10 32.32 -8.20 -6.09
C LYS B 10 30.87 -7.87 -5.72
N ILE B 11 30.63 -7.62 -4.44
CA ILE B 11 29.34 -7.07 -3.99
C ILE B 11 29.32 -5.57 -4.22
N ILE B 12 28.38 -5.10 -5.04
CA ILE B 12 28.41 -3.69 -5.40
C ILE B 12 27.15 -2.92 -4.98
N CYS B 13 26.17 -3.63 -4.43
CA CYS B 13 25.01 -2.99 -3.79
C CYS B 13 24.36 -3.96 -2.81
N ARG B 14 24.11 -3.49 -1.60
CA ARG B 14 23.50 -4.33 -0.57
C ARG B 14 22.03 -4.62 -0.86
N ASP B 15 21.38 -3.67 -1.52
CA ASP B 15 19.94 -3.81 -1.81
C ASP B 15 19.53 -2.80 -2.87
N VAL B 16 19.37 -3.26 -4.11
CA VAL B 16 18.96 -2.38 -5.19
C VAL B 16 17.54 -1.84 -4.99
N ALA B 17 16.77 -2.46 -4.09
CA ALA B 17 15.41 -2.03 -3.84
C ALA B 17 15.30 -1.02 -2.70
N ARG B 18 16.44 -0.67 -2.10
CA ARG B 18 16.48 0.38 -1.07
C ARG B 18 15.49 0.12 0.08
N GLY B 19 15.37 -1.13 0.51
CA GLY B 19 14.49 -1.48 1.60
C GLY B 19 12.99 -1.52 1.28
N TYR B 20 12.62 -1.35 0.01
CA TYR B 20 11.19 -1.35 -0.32
C TYR B 20 10.57 -2.74 -0.41
N GLU B 21 11.38 -3.78 -0.56
CA GLU B 21 10.81 -5.14 -0.59
C GLU B 21 10.90 -5.78 0.80
N ASN B 22 10.27 -6.94 0.97
CA ASN B 22 10.33 -7.64 2.24
C ASN B 22 11.72 -8.10 2.61
N VAL B 23 12.54 -8.31 1.59
CA VAL B 23 13.91 -8.80 1.75
C VAL B 23 14.81 -7.95 0.85
N PRO B 24 16.10 -7.87 1.19
CA PRO B 24 16.99 -7.13 0.31
C PRO B 24 17.26 -7.88 -0.98
N ILE B 25 17.66 -7.16 -2.01
CA ILE B 25 18.07 -7.78 -3.26
C ILE B 25 19.45 -7.22 -3.61
N PRO B 26 20.50 -7.93 -3.18
CA PRO B 26 21.84 -7.41 -3.44
C PRO B 26 22.26 -7.61 -4.89
N CYS B 27 23.29 -6.86 -5.30
CA CYS B 27 23.85 -6.93 -6.63
C CYS B 27 25.33 -7.31 -6.54
N VAL B 28 25.74 -8.27 -7.35
CA VAL B 28 27.14 -8.67 -7.42
C VAL B 28 27.59 -8.73 -8.87
N ASN B 29 28.89 -8.62 -9.09
CA ASN B 29 29.43 -8.74 -10.43
C ASN B 29 30.77 -9.43 -10.34
N GLY B 30 30.82 -10.66 -10.81
CA GLY B 30 32.06 -11.41 -10.85
C GLY B 30 32.54 -11.65 -12.28
N VAL B 31 32.01 -10.88 -13.23
CA VAL B 31 32.28 -11.13 -14.64
C VAL B 31 33.07 -9.99 -15.30
N ASP B 32 32.67 -8.75 -15.05
CA ASP B 32 33.31 -7.63 -15.71
C ASP B 32 33.31 -6.36 -14.85
N GLY B 33 33.67 -5.24 -15.45
CA GLY B 33 33.77 -3.99 -14.72
C GLY B 33 32.50 -3.15 -14.70
N GLU B 34 31.39 -3.72 -15.16
CA GLU B 34 30.15 -2.95 -15.23
C GLU B 34 29.68 -2.51 -13.84
N PRO B 35 29.36 -1.22 -13.70
CA PRO B 35 28.88 -0.70 -12.42
C PRO B 35 27.43 -1.09 -12.17
N CYS B 36 27.01 -1.03 -10.91
CA CYS B 36 25.61 -1.27 -10.54
C CYS B 36 24.70 -0.43 -11.45
N PRO B 37 23.68 -1.07 -12.04
CA PRO B 37 22.85 -0.33 -12.99
C PRO B 37 22.11 0.82 -12.33
N GLU B 38 22.22 2.01 -12.88
CA GLU B 38 21.55 3.17 -12.30
C GLU B 38 20.86 4.03 -13.36
N ASP B 39 20.64 3.45 -14.53
CA ASP B 39 19.99 4.14 -15.62
C ASP B 39 18.47 3.94 -15.60
N TYR B 40 17.94 3.67 -14.41
CA TYR B 40 16.51 3.51 -14.19
C TYR B 40 16.23 3.88 -12.75
N LYS B 41 14.95 4.04 -12.42
CA LYS B 41 14.54 4.30 -11.05
C LYS B 41 13.86 3.05 -10.48
N TYR B 42 14.40 2.50 -9.39
CA TYR B 42 13.77 1.32 -8.78
C TYR B 42 12.49 1.73 -8.08
N ILE B 43 11.37 1.10 -8.48
CA ILE B 43 10.09 1.27 -7.79
C ILE B 43 9.55 -0.11 -7.45
N SER B 44 8.94 -0.25 -6.28
CA SER B 44 8.44 -1.56 -5.87
C SER B 44 7.01 -1.82 -6.34
N GLU B 45 6.32 -0.76 -6.77
CA GLU B 45 4.94 -0.88 -7.29
C GLU B 45 4.78 -0.05 -8.56
N ASN B 46 3.83 -0.43 -9.41
CA ASN B 46 3.66 0.24 -10.70
C ASN B 46 3.42 1.74 -10.53
N CYS B 47 3.89 2.52 -11.49
CA CYS B 47 3.70 3.96 -11.44
C CYS B 47 3.04 4.44 -12.71
N GLU B 48 2.61 5.70 -12.73
CA GLU B 48 2.11 6.31 -13.95
C GLU B 48 2.79 7.66 -14.17
N THR B 49 3.05 8.00 -15.42
CA THR B 49 3.65 9.29 -15.75
C THR B 49 2.68 10.10 -16.62
N SER B 50 1.46 9.59 -16.74
CA SER B 50 0.34 10.34 -17.30
C SER B 50 -0.92 9.91 -16.56
N THR B 51 -2.08 10.47 -16.89
CA THR B 51 -3.30 10.11 -16.17
C THR B 51 -3.75 8.71 -16.54
N MET B 52 -3.58 7.78 -15.61
CA MET B 52 -4.20 6.47 -15.73
C MET B 52 -5.45 6.42 -14.86
N ASN B 53 -5.36 7.00 -13.66
CA ASN B 53 -6.46 7.05 -12.71
C ASN B 53 -7.13 5.69 -12.53
N ILE B 54 -6.40 4.77 -11.91
CA ILE B 54 -6.91 3.43 -11.69
C ILE B 54 -8.26 3.45 -10.96
N ASP B 55 -9.21 2.66 -11.46
CA ASP B 55 -10.51 2.52 -10.80
C ASP B 55 -10.35 1.71 -9.53
N ARG B 56 -10.59 2.36 -8.40
CA ARG B 56 -10.46 1.72 -7.09
C ARG B 56 -11.73 1.84 -6.26
N ASN B 57 -12.86 2.04 -6.92
CA ASN B 57 -14.17 2.13 -6.26
CA ASN B 57 -14.12 2.16 -6.19
C ASN B 57 -14.44 0.88 -5.42
N ILE B 58 -14.41 1.01 -4.10
CA ILE B 58 -14.51 -0.16 -3.24
C ILE B 58 -15.86 -0.87 -3.41
N THR B 59 -16.89 -0.12 -3.81
CA THR B 59 -18.23 -0.69 -3.95
C THR B 59 -18.40 -1.51 -5.23
N HIS B 60 -17.39 -1.47 -6.10
CA HIS B 60 -17.47 -2.22 -7.34
C HIS B 60 -16.51 -3.41 -7.37
N LEU B 61 -15.79 -3.62 -6.27
CA LEU B 61 -14.96 -4.80 -6.15
C LEU B 61 -15.83 -6.03 -5.96
N GLN B 62 -15.60 -7.07 -6.75
CA GLN B 62 -16.15 -8.37 -6.40
C GLN B 62 -15.36 -8.87 -5.21
N HIS B 63 -16.04 -9.49 -4.26
CA HIS B 63 -15.40 -9.88 -3.02
C HIS B 63 -16.14 -11.05 -2.37
N CYS B 64 -15.49 -11.68 -1.39
CA CYS B 64 -16.09 -12.84 -0.73
C CYS B 64 -16.66 -12.50 0.65
N THR B 65 -17.43 -13.44 1.19
CA THR B 65 -18.04 -13.28 2.50
C THR B 65 -17.54 -14.32 3.50
N CYS B 66 -16.44 -14.98 3.18
CA CYS B 66 -15.88 -16.05 4.01
C CYS B 66 -15.61 -15.63 5.45
N VAL B 67 -15.94 -16.51 6.40
CA VAL B 67 -15.57 -16.29 7.79
C VAL B 67 -14.49 -17.28 8.22
N ASP B 68 -13.94 -18.02 7.26
CA ASP B 68 -12.77 -18.86 7.51
C ASP B 68 -11.54 -18.21 6.88
N ASP B 69 -10.58 -19.02 6.48
CA ASP B 69 -9.34 -18.51 5.88
C ASP B 69 -9.35 -18.55 4.36
N CYS B 70 -10.55 -18.62 3.78
CA CYS B 70 -10.73 -18.67 2.32
C CYS B 70 -10.07 -19.89 1.68
N SER B 71 -9.99 -20.98 2.43
CA SER B 71 -9.50 -22.23 1.88
C SER B 71 -10.59 -23.08 1.22
N SER B 72 -11.85 -22.69 1.34
CA SER B 72 -12.92 -23.50 0.77
C SER B 72 -13.24 -23.10 -0.67
N SER B 73 -13.85 -24.02 -1.41
CA SER B 73 -14.26 -23.75 -2.79
C SER B 73 -15.44 -22.78 -2.86
N ASN B 74 -16.02 -22.47 -1.71
CA ASN B 74 -17.13 -21.53 -1.65
C ASN B 74 -16.67 -20.06 -1.70
N CYS B 75 -15.38 -19.81 -1.50
CA CYS B 75 -14.86 -18.45 -1.59
C CYS B 75 -15.09 -17.87 -2.98
N LEU B 76 -15.81 -16.75 -3.06
CA LEU B 76 -16.13 -16.15 -4.35
C LEU B 76 -14.86 -15.77 -5.11
N CYS B 77 -13.88 -15.27 -4.38
CA CYS B 77 -12.64 -14.81 -5.03
C CYS B 77 -11.91 -15.99 -5.67
N GLY B 78 -11.91 -17.12 -5.00
CA GLY B 78 -11.38 -18.35 -5.58
C GLY B 78 -12.14 -18.80 -6.82
N GLN B 79 -13.45 -18.61 -6.81
CA GLN B 79 -14.29 -18.98 -7.94
C GLN B 79 -14.03 -18.08 -9.16
N LEU B 80 -13.70 -16.83 -8.91
CA LEU B 80 -13.44 -15.88 -10.01
C LEU B 80 -12.11 -16.14 -10.67
N SER B 81 -11.18 -16.72 -9.92
CA SER B 81 -9.88 -17.08 -10.46
C SER B 81 -10.04 -18.09 -11.58
N ILE B 82 -9.35 -17.88 -12.69
CA ILE B 82 -9.52 -18.70 -13.87
C ILE B 82 -8.41 -19.74 -13.98
N ARG B 83 -8.81 -21.00 -13.80
CA ARG B 83 -7.97 -22.16 -14.02
C ARG B 83 -6.68 -22.15 -13.20
N CYS B 84 -6.76 -21.63 -11.98
CA CYS B 84 -5.65 -21.70 -11.04
C CYS B 84 -6.14 -21.51 -9.62
N TRP B 85 -5.31 -21.94 -8.67
CA TRP B 85 -5.65 -21.84 -7.27
C TRP B 85 -4.39 -21.95 -6.41
N TYR B 86 -4.47 -21.47 -5.18
CA TYR B 86 -3.38 -21.59 -4.24
C TYR B 86 -3.56 -22.77 -3.30
N ASP B 87 -2.48 -23.48 -2.97
CA ASP B 87 -2.57 -24.53 -1.94
C ASP B 87 -2.29 -23.94 -0.55
N LYS B 88 -2.27 -24.80 0.46
CA LYS B 88 -2.12 -24.34 1.85
C LYS B 88 -0.83 -23.58 2.13
N ASP B 89 0.19 -23.77 1.29
CA ASP B 89 1.50 -23.15 1.48
C ASP B 89 1.69 -21.94 0.59
N GLY B 90 0.61 -21.51 -0.05
CA GLY B 90 0.67 -20.32 -0.89
C GLY B 90 1.32 -20.55 -2.24
N ARG B 91 1.37 -21.81 -2.68
CA ARG B 91 1.95 -22.12 -3.99
C ARG B 91 0.86 -22.30 -5.04
N LEU B 92 1.14 -21.83 -6.25
CA LEU B 92 0.15 -21.77 -7.32
C LEU B 92 0.05 -23.07 -8.09
N LEU B 93 -1.18 -23.53 -8.29
CA LEU B 93 -1.45 -24.66 -9.16
C LEU B 93 -2.30 -24.22 -10.35
N GLN B 94 -2.03 -24.80 -11.52
CA GLN B 94 -2.86 -24.56 -12.70
C GLN B 94 -3.58 -25.82 -13.18
N GLU B 100 -6.77 -20.45 -22.94
CA GLU B 100 -6.96 -19.25 -22.14
C GLU B 100 -5.96 -19.20 -21.00
N PRO B 101 -5.19 -18.10 -20.91
CA PRO B 101 -4.23 -17.96 -19.82
C PRO B 101 -4.93 -17.85 -18.47
N PRO B 102 -4.25 -18.29 -17.40
CA PRO B 102 -4.87 -18.24 -16.07
C PRO B 102 -5.07 -16.79 -15.61
N LEU B 103 -5.90 -16.60 -14.60
CA LEU B 103 -6.14 -15.28 -14.05
C LEU B 103 -6.43 -15.43 -12.56
N ILE B 104 -5.69 -14.74 -11.72
CA ILE B 104 -5.89 -14.84 -10.26
C ILE B 104 -6.66 -13.64 -9.75
N PHE B 105 -7.77 -13.88 -9.06
CA PHE B 105 -8.39 -12.86 -8.24
C PHE B 105 -8.05 -13.15 -6.78
N GLU B 106 -7.18 -12.33 -6.21
CA GLU B 106 -6.92 -12.43 -4.78
C GLU B 106 -8.00 -11.71 -3.99
N CYS B 107 -8.04 -12.00 -2.69
CA CYS B 107 -8.96 -11.30 -1.80
C CYS B 107 -8.50 -9.84 -1.66
N ASN B 108 -9.39 -9.00 -1.18
CA ASN B 108 -9.17 -7.57 -1.22
C ASN B 108 -9.83 -6.90 -0.02
N GLN B 109 -9.74 -5.58 0.03
CA GLN B 109 -10.20 -4.80 1.17
C GLN B 109 -11.73 -4.79 1.32
N ALA B 110 -12.46 -5.25 0.31
CA ALA B 110 -13.92 -5.39 0.41
C ALA B 110 -14.34 -6.74 0.98
N CYS B 111 -13.49 -7.75 0.87
CA CYS B 111 -13.82 -9.08 1.42
C CYS B 111 -14.01 -9.07 2.93
N SER B 112 -14.84 -9.98 3.43
CA SER B 112 -15.05 -10.11 4.86
C SER B 112 -13.88 -10.74 5.59
N CYS B 113 -13.01 -11.40 4.83
CA CYS B 113 -11.94 -12.20 5.43
C CYS B 113 -10.80 -11.35 5.98
N TRP B 114 -9.85 -12.02 6.63
CA TRP B 114 -8.71 -11.36 7.23
C TRP B 114 -7.54 -11.20 6.25
N ARG B 115 -6.65 -10.26 6.59
CA ARG B 115 -5.51 -9.95 5.73
C ARG B 115 -4.58 -11.16 5.56
N ASN B 116 -4.66 -12.13 6.46
CA ASN B 116 -3.81 -13.31 6.34
C ASN B 116 -4.54 -14.55 5.82
N CYS B 117 -5.61 -14.36 5.05
CA CYS B 117 -6.31 -15.50 4.48
C CYS B 117 -5.44 -16.17 3.41
N LYS B 118 -5.87 -17.33 2.93
CA LYS B 118 -5.06 -18.12 2.00
C LYS B 118 -5.02 -17.60 0.56
N ASN B 119 -5.76 -16.53 0.27
CA ASN B 119 -5.83 -16.00 -1.10
C ASN B 119 -5.17 -14.63 -1.19
N ARG B 120 -3.93 -14.52 -0.67
CA ARG B 120 -3.26 -13.23 -0.56
C ARG B 120 -1.77 -13.28 -0.90
N VAL B 121 -1.38 -14.23 -1.73
CA VAL B 121 0.04 -14.50 -1.92
C VAL B 121 0.79 -13.35 -2.59
N VAL B 122 0.30 -12.92 -3.75
CA VAL B 122 1.03 -11.88 -4.48
C VAL B 122 1.04 -10.55 -3.72
N GLN B 123 -0.08 -10.22 -3.07
CA GLN B 123 -0.15 -8.92 -2.40
C GLN B 123 0.74 -8.88 -1.15
N SER B 124 1.24 -10.04 -0.73
CA SER B 124 2.08 -10.10 0.46
C SER B 124 3.57 -9.94 0.12
N GLY B 125 3.90 -9.93 -1.17
CA GLY B 125 5.23 -9.57 -1.61
C GLY B 125 6.29 -10.65 -1.68
N ILE B 126 7.53 -10.21 -1.92
CA ILE B 126 8.64 -11.13 -2.14
C ILE B 126 9.02 -11.85 -0.85
N LYS B 127 9.18 -13.15 -0.94
CA LYS B 127 9.63 -13.93 0.22
C LYS B 127 10.95 -14.65 -0.03
N VAL B 128 11.29 -14.91 -1.28
CA VAL B 128 12.51 -15.67 -1.56
C VAL B 128 13.71 -14.73 -1.67
N ARG B 129 14.90 -15.24 -1.40
CA ARG B 129 16.15 -14.48 -1.57
C ARG B 129 16.62 -14.50 -3.02
N LEU B 130 16.69 -13.31 -3.61
CA LEU B 130 17.10 -13.12 -5.00
C LEU B 130 18.37 -12.31 -5.04
N GLN B 131 19.05 -12.39 -6.17
CA GLN B 131 20.28 -11.63 -6.36
C GLN B 131 20.37 -11.13 -7.80
N LEU B 132 20.66 -9.84 -7.95
CA LEU B 132 21.02 -9.29 -9.24
C LEU B 132 22.48 -9.60 -9.49
N TYR B 133 22.79 -10.22 -10.62
CA TYR B 133 24.19 -10.59 -10.88
C TYR B 133 24.56 -10.42 -12.33
N ARG B 134 25.87 -10.31 -12.58
CA ARG B 134 26.33 -10.17 -13.95
C ARG B 134 26.44 -11.55 -14.62
N THR B 135 25.69 -11.76 -15.69
CA THR B 135 25.75 -13.01 -16.44
C THR B 135 26.96 -13.01 -17.38
N ALA B 136 27.24 -14.18 -17.94
CA ALA B 136 28.37 -14.33 -18.86
C ALA B 136 28.10 -13.67 -20.20
N LYS B 137 26.88 -13.78 -20.70
CA LYS B 137 26.60 -13.37 -22.06
C LYS B 137 25.33 -12.53 -22.27
N MET B 138 24.58 -12.29 -21.22
CA MET B 138 23.29 -11.59 -21.39
C MET B 138 23.14 -10.28 -20.65
N GLY B 139 24.23 -9.74 -20.12
CA GLY B 139 24.12 -8.53 -19.31
C GLY B 139 23.78 -8.89 -17.87
N TRP B 140 22.98 -8.06 -17.21
CA TRP B 140 22.54 -8.41 -15.87
C TRP B 140 21.48 -9.50 -15.92
N GLY B 141 21.38 -10.27 -14.86
CA GLY B 141 20.35 -11.28 -14.70
C GLY B 141 19.97 -11.42 -13.24
N VAL B 142 18.96 -12.25 -12.98
CA VAL B 142 18.50 -12.48 -11.62
C VAL B 142 18.62 -13.97 -11.30
N ARG B 143 19.18 -14.29 -10.14
CA ARG B 143 19.26 -15.68 -9.73
C ARG B 143 18.76 -15.90 -8.31
N ALA B 144 18.42 -17.15 -8.03
CA ALA B 144 17.96 -17.55 -6.70
C ALA B 144 19.14 -17.77 -5.76
N LEU B 145 19.01 -17.32 -4.52
CA LEU B 145 20.02 -17.61 -3.49
C LEU B 145 19.54 -18.72 -2.55
N GLN B 146 18.48 -19.40 -2.94
CA GLN B 146 17.90 -20.47 -2.13
C GLN B 146 17.19 -21.46 -3.04
N THR B 147 16.84 -22.64 -2.52
CA THR B 147 15.98 -23.54 -3.27
C THR B 147 14.57 -22.97 -3.30
N ILE B 148 13.90 -23.10 -4.43
CA ILE B 148 12.53 -22.59 -4.57
C ILE B 148 11.62 -23.67 -5.13
N PRO B 149 10.65 -24.14 -4.33
CA PRO B 149 9.72 -25.17 -4.80
C PRO B 149 8.89 -24.69 -5.97
N GLN B 150 8.49 -25.60 -6.84
CA GLN B 150 7.52 -25.30 -7.89
C GLN B 150 6.29 -24.58 -7.35
N GLY B 151 5.84 -23.54 -8.06
CA GLY B 151 4.61 -22.85 -7.72
C GLY B 151 4.79 -21.68 -6.76
N THR B 152 6.03 -21.38 -6.39
CA THR B 152 6.30 -20.34 -5.40
C THR B 152 6.25 -18.97 -6.07
N PHE B 153 5.63 -17.99 -5.41
CA PHE B 153 5.67 -16.62 -5.90
C PHE B 153 7.11 -16.09 -5.83
N ILE B 154 7.57 -15.51 -6.91
CA ILE B 154 8.94 -14.98 -6.99
C ILE B 154 8.93 -13.46 -6.84
N CYS B 155 8.29 -12.80 -7.81
CA CYS B 155 8.25 -11.34 -7.79
C CYS B 155 7.25 -10.85 -8.83
N GLU B 156 6.98 -9.56 -8.79
CA GLU B 156 6.01 -8.94 -9.68
C GLU B 156 6.75 -8.20 -10.81
N TYR B 157 6.19 -8.20 -12.01
CA TYR B 157 6.75 -7.36 -13.07
C TYR B 157 6.22 -5.94 -12.88
N VAL B 158 7.09 -5.05 -12.41
CA VAL B 158 6.70 -3.69 -12.03
C VAL B 158 7.33 -2.67 -12.95
N GLY B 159 6.57 -1.64 -13.31
CA GLY B 159 7.13 -0.56 -14.09
C GLY B 159 6.13 0.55 -14.30
N GLU B 160 6.27 1.21 -15.44
CA GLU B 160 5.46 2.39 -15.76
C GLU B 160 4.26 1.96 -16.61
N LEU B 161 3.04 2.27 -16.13
CA LEU B 161 1.84 1.96 -16.91
C LEU B 161 1.72 2.88 -18.10
N ILE B 162 1.59 2.31 -19.30
CA ILE B 162 1.43 3.11 -20.52
C ILE B 162 0.43 2.47 -21.47
N SER B 163 -0.13 3.27 -22.38
CA SER B 163 -1.02 2.73 -23.38
C SER B 163 -0.24 1.99 -24.46
N ASP B 164 -0.92 1.15 -25.21
CA ASP B 164 -0.27 0.48 -26.33
C ASP B 164 0.19 1.51 -27.37
N ALA B 165 -0.58 2.59 -27.54
CA ALA B 165 -0.19 3.66 -28.46
C ALA B 165 1.13 4.30 -28.05
N GLU B 166 1.30 4.50 -26.75
CA GLU B 166 2.55 5.05 -26.24
C GLU B 166 3.68 4.05 -26.41
N ALA B 167 3.39 2.77 -26.16
CA ALA B 167 4.41 1.74 -26.26
C ALA B 167 4.94 1.64 -27.69
N ASP B 168 4.05 1.86 -28.66
CA ASP B 168 4.44 1.79 -30.06
C ASP B 168 5.42 2.88 -30.50
N VAL B 169 5.46 4.00 -29.80
CA VAL B 169 6.35 5.10 -30.21
C VAL B 169 7.62 5.18 -29.40
N ARG B 170 7.75 4.35 -28.37
CA ARG B 170 8.97 4.38 -27.58
C ARG B 170 10.05 3.56 -28.25
N GLU B 171 11.26 4.09 -28.24
CA GLU B 171 12.37 3.48 -28.97
C GLU B 171 12.95 2.26 -28.27
N ASP B 172 13.05 2.30 -26.95
CA ASP B 172 13.66 1.18 -26.22
C ASP B 172 12.57 0.27 -25.67
N ASP B 173 12.40 -0.88 -26.30
CA ASP B 173 11.36 -1.84 -25.93
C ASP B 173 11.93 -3.07 -25.23
N SER B 174 13.16 -2.97 -24.73
CA SER B 174 13.82 -4.12 -24.10
C SER B 174 13.21 -4.48 -22.75
N TYR B 175 12.35 -3.61 -22.22
CA TYR B 175 11.74 -3.82 -20.92
C TYR B 175 10.23 -3.64 -20.98
N LEU B 176 9.67 -3.85 -22.17
CA LEU B 176 8.25 -3.60 -22.41
C LEU B 176 7.42 -4.87 -22.24
N PHE B 177 6.43 -4.82 -21.36
CA PHE B 177 5.55 -5.97 -21.16
C PHE B 177 4.12 -5.62 -21.58
N ASP B 178 3.58 -6.37 -22.53
CA ASP B 178 2.25 -6.15 -23.08
C ASP B 178 1.22 -6.95 -22.29
N LEU B 179 0.21 -6.28 -21.72
CA LEU B 179 -0.73 -6.99 -20.86
C LEU B 179 -1.77 -7.78 -21.65
N ASP B 180 -1.84 -7.52 -22.96
CA ASP B 180 -2.69 -8.29 -23.87
C ASP B 180 -4.15 -8.35 -23.41
N ASN B 181 -4.70 -7.19 -23.06
CA ASN B 181 -6.07 -7.10 -22.54
C ASN B 181 -7.09 -7.71 -23.49
N LYS B 182 -8.00 -8.51 -22.93
CA LYS B 182 -9.01 -9.21 -23.71
C LYS B 182 -10.11 -8.25 -24.20
N ASP B 183 -10.83 -7.66 -23.26
CA ASP B 183 -11.84 -6.67 -23.61
C ASP B 183 -11.41 -5.27 -23.16
N GLY B 184 -11.47 -4.31 -24.09
CA GLY B 184 -11.05 -2.95 -23.79
C GLY B 184 -9.73 -2.64 -24.46
N GLU B 185 -9.22 -1.44 -24.23
CA GLU B 185 -7.93 -1.03 -24.81
C GLU B 185 -6.79 -1.79 -24.15
N VAL B 186 -5.70 -1.93 -24.90
CA VAL B 186 -4.54 -2.68 -24.42
C VAL B 186 -3.52 -1.76 -23.76
N TYR B 187 -3.04 -2.18 -22.60
CA TYR B 187 -2.06 -1.42 -21.86
C TYR B 187 -0.82 -2.26 -21.66
N CYS B 188 0.28 -1.59 -21.31
CA CYS B 188 1.58 -2.20 -21.14
C CYS B 188 2.22 -1.72 -19.86
N ILE B 189 3.22 -2.48 -19.40
CA ILE B 189 4.08 -2.05 -18.31
C ILE B 189 5.47 -1.88 -18.92
N ASP B 190 5.96 -0.65 -18.93
CA ASP B 190 7.29 -0.36 -19.48
C ASP B 190 8.25 -0.19 -18.32
N ALA B 191 9.21 -1.10 -18.21
CA ALA B 191 10.14 -1.01 -17.08
C ALA B 191 11.47 -0.37 -17.45
N ARG B 192 11.52 0.32 -18.59
CA ARG B 192 12.77 0.91 -19.03
C ARG B 192 13.25 2.00 -18.06
N TYR B 193 12.36 2.93 -17.71
CA TYR B 193 12.79 4.07 -16.90
C TYR B 193 12.44 3.92 -15.44
N TYR B 194 11.35 3.20 -15.16
CA TYR B 194 10.93 2.87 -13.80
C TYR B 194 10.67 1.38 -13.77
N GLY B 195 11.27 0.66 -12.82
CA GLY B 195 11.02 -0.77 -12.74
C GLY B 195 11.55 -1.36 -11.45
N ASN B 196 11.23 -2.63 -11.22
CA ASN B 196 11.81 -3.33 -10.08
C ASN B 196 12.76 -4.42 -10.56
N ILE B 197 13.02 -5.38 -9.67
CA ILE B 197 13.99 -6.44 -9.97
C ILE B 197 13.65 -7.23 -11.24
N SER B 198 12.37 -7.29 -11.58
CA SER B 198 11.95 -8.11 -12.72
C SER B 198 12.48 -7.63 -14.07
N ARG B 199 12.84 -6.35 -14.16
CA ARG B 199 13.31 -5.80 -15.43
C ARG B 199 14.62 -6.48 -15.85
N PHE B 200 15.28 -7.10 -14.88
CA PHE B 200 16.57 -7.72 -15.15
C PHE B 200 16.48 -9.23 -15.43
N ILE B 201 15.28 -9.78 -15.33
CA ILE B 201 15.08 -11.19 -15.64
C ILE B 201 15.17 -11.45 -17.12
N ASN B 202 16.09 -12.36 -17.49
CA ASN B 202 16.32 -12.66 -18.89
C ASN B 202 15.34 -13.67 -19.50
N HIS B 203 15.39 -13.79 -20.82
CA HIS B 203 14.62 -14.79 -21.53
C HIS B 203 15.34 -16.12 -21.50
N LEU B 204 14.60 -17.18 -21.22
CA LEU B 204 15.11 -18.54 -21.37
C LEU B 204 14.14 -19.35 -22.20
N CYS B 205 14.67 -20.10 -23.17
CA CYS B 205 13.84 -21.00 -23.96
C CYS B 205 13.44 -22.22 -23.12
N ASP B 206 14.18 -22.48 -22.06
CA ASP B 206 13.78 -23.48 -21.07
C ASP B 206 13.48 -22.79 -19.74
N PRO B 207 12.34 -22.10 -19.65
CA PRO B 207 12.10 -21.21 -18.50
C PRO B 207 11.81 -21.92 -17.19
N ASN B 208 12.08 -21.25 -16.08
CA ASN B 208 11.75 -21.84 -14.78
C ASN B 208 10.78 -20.97 -13.99
N ILE B 209 10.32 -19.88 -14.60
CA ILE B 209 9.24 -19.09 -14.02
C ILE B 209 8.22 -18.71 -15.09
N ILE B 210 6.99 -18.43 -14.66
CA ILE B 210 5.93 -18.06 -15.58
C ILE B 210 5.19 -16.84 -15.05
N PRO B 211 4.80 -15.94 -15.95
CA PRO B 211 4.01 -14.77 -15.57
C PRO B 211 2.52 -15.12 -15.54
N VAL B 212 1.82 -14.59 -14.55
CA VAL B 212 0.39 -14.82 -14.39
C VAL B 212 -0.28 -13.49 -14.07
N ARG B 213 -1.38 -13.19 -14.74
CA ARG B 213 -2.14 -11.96 -14.47
C ARG B 213 -2.89 -12.10 -13.14
N VAL B 214 -2.89 -11.03 -12.35
CA VAL B 214 -3.49 -11.06 -11.02
C VAL B 214 -4.22 -9.76 -10.72
N PHE B 215 -5.35 -9.85 -10.03
CA PHE B 215 -6.04 -8.70 -9.45
C PHE B 215 -6.03 -8.81 -7.93
N MET B 216 -5.77 -7.69 -7.28
CA MET B 216 -5.67 -7.64 -5.83
C MET B 216 -6.53 -6.49 -5.30
N LEU B 217 -5.95 -5.31 -5.10
CA LEU B 217 -6.67 -4.23 -4.41
C LEU B 217 -7.48 -3.34 -5.34
N HIS B 218 -7.51 -3.70 -6.63
CA HIS B 218 -8.42 -3.08 -7.58
C HIS B 218 -8.79 -4.14 -8.61
N GLN B 219 -9.87 -3.92 -9.33
CA GLN B 219 -10.27 -4.83 -10.40
C GLN B 219 -10.52 -4.06 -11.68
N ASP B 220 -9.69 -3.06 -11.89
CA ASP B 220 -9.64 -2.28 -13.14
C ASP B 220 -9.05 -3.16 -14.22
N LEU B 221 -9.88 -3.57 -15.17
CA LEU B 221 -9.49 -4.58 -16.14
C LEU B 221 -8.44 -4.10 -17.13
N ARG B 222 -8.17 -2.80 -17.16
CA ARG B 222 -7.06 -2.28 -17.95
C ARG B 222 -5.71 -2.76 -17.42
N PHE B 223 -5.66 -3.05 -16.12
CA PHE B 223 -4.38 -3.21 -15.45
C PHE B 223 -4.27 -4.45 -14.57
N PRO B 224 -4.34 -5.63 -15.19
CA PRO B 224 -3.88 -6.79 -14.45
C PRO B 224 -2.42 -6.56 -14.03
N ARG B 225 -2.05 -7.07 -12.86
CA ARG B 225 -0.67 -7.04 -12.42
C ARG B 225 -0.01 -8.37 -12.79
N ILE B 226 1.30 -8.36 -12.99
CA ILE B 226 1.97 -9.56 -13.48
C ILE B 226 2.82 -10.18 -12.38
N ALA B 227 2.47 -11.41 -12.00
CA ALA B 227 3.19 -12.13 -10.95
C ALA B 227 3.95 -13.31 -11.54
N PHE B 228 5.22 -13.43 -11.16
CA PHE B 228 5.99 -14.60 -11.57
C PHE B 228 5.96 -15.68 -10.52
N PHE B 229 5.63 -16.89 -10.96
CA PHE B 229 5.71 -18.09 -10.11
C PHE B 229 6.68 -19.07 -10.74
N SER B 230 7.41 -19.79 -9.91
CA SER B 230 8.29 -20.85 -10.43
C SER B 230 7.45 -21.95 -11.09
N SER B 231 7.92 -22.46 -12.24
CA SER B 231 7.18 -23.48 -12.99
C SER B 231 7.74 -24.86 -12.67
N ARG B 232 8.83 -24.88 -11.92
CA ARG B 232 9.45 -26.11 -11.46
CA ARG B 232 9.45 -26.11 -11.46
C ARG B 232 10.29 -25.82 -10.22
N ASP B 233 10.78 -26.86 -9.56
CA ASP B 233 11.72 -26.64 -8.45
C ASP B 233 12.95 -25.93 -8.97
N ILE B 234 13.40 -24.90 -8.25
CA ILE B 234 14.59 -24.15 -8.65
C ILE B 234 15.70 -24.33 -7.61
N ARG B 235 16.92 -24.59 -8.07
CA ARG B 235 18.03 -24.82 -7.15
C ARG B 235 18.79 -23.54 -6.87
N THR B 236 19.44 -23.48 -5.72
CA THR B 236 20.25 -22.33 -5.35
C THR B 236 21.26 -22.00 -6.45
N GLY B 237 21.35 -20.72 -6.79
CA GLY B 237 22.30 -20.25 -7.78
C GLY B 237 21.78 -20.24 -9.20
N GLU B 238 20.64 -20.88 -9.44
CA GLU B 238 20.05 -20.95 -10.78
C GLU B 238 19.55 -19.58 -11.25
N GLU B 239 19.88 -19.23 -12.49
CA GLU B 239 19.32 -18.02 -13.10
C GLU B 239 17.81 -18.18 -13.32
N LEU B 240 17.04 -17.18 -12.92
CA LEU B 240 15.63 -17.12 -13.22
C LEU B 240 15.40 -16.62 -14.64
N GLY B 241 14.45 -17.21 -15.34
CA GLY B 241 14.11 -16.72 -16.65
C GLY B 241 12.72 -17.15 -17.06
N PHE B 242 12.06 -16.33 -17.87
CA PHE B 242 10.78 -16.72 -18.42
C PHE B 242 10.82 -16.65 -19.94
N ASP B 243 9.81 -17.19 -20.58
CA ASP B 243 9.69 -17.13 -22.04
C ASP B 243 9.11 -15.77 -22.43
N TYR B 244 9.96 -14.91 -23.01
CA TYR B 244 9.51 -13.59 -23.44
C TYR B 244 8.41 -13.68 -24.49
N GLY B 245 8.36 -14.78 -25.22
CA GLY B 245 7.35 -15.00 -26.24
C GLY B 245 7.81 -14.74 -27.66
N ASP B 246 7.09 -15.31 -28.63
CA ASP B 246 7.50 -15.22 -30.03
C ASP B 246 7.45 -13.80 -30.57
N ARG B 247 6.51 -13.00 -30.10
CA ARG B 247 6.35 -11.64 -30.59
C ARG B 247 7.58 -10.81 -30.29
N PHE B 248 8.08 -10.91 -29.07
CA PHE B 248 9.32 -10.22 -28.70
C PHE B 248 10.45 -10.56 -29.66
N TRP B 249 10.60 -11.85 -29.95
CA TRP B 249 11.75 -12.31 -30.73
C TRP B 249 11.60 -12.02 -32.22
N ASP B 250 10.35 -11.99 -32.70
CA ASP B 250 10.10 -11.62 -34.09
C ASP B 250 10.53 -10.18 -34.34
N ILE B 251 10.51 -9.39 -33.28
CA ILE B 251 10.91 -7.99 -33.38
C ILE B 251 12.40 -7.82 -33.15
N LYS B 252 12.91 -8.48 -32.11
CA LYS B 252 14.29 -8.26 -31.69
C LYS B 252 15.34 -9.04 -32.48
N SER B 253 14.94 -10.08 -33.18
CA SER B 253 15.91 -11.00 -33.79
C SER B 253 16.78 -10.34 -34.86
N LYS B 254 16.27 -9.28 -35.48
CA LYS B 254 17.06 -8.53 -36.47
C LYS B 254 18.16 -7.72 -35.80
N TYR B 255 18.15 -7.65 -34.47
CA TYR B 255 19.22 -6.94 -33.74
C TYR B 255 20.11 -7.91 -32.98
N PHE B 256 19.51 -8.94 -32.39
CA PHE B 256 20.28 -9.96 -31.67
C PHE B 256 19.46 -11.26 -31.56
N THR B 257 20.16 -12.38 -31.39
CA THR B 257 19.51 -13.66 -31.26
C THR B 257 19.75 -14.25 -29.87
N CYS B 258 19.06 -15.36 -29.58
CA CYS B 258 19.06 -15.90 -28.23
C CYS B 258 20.37 -16.58 -27.85
N GLN B 259 20.82 -16.30 -26.64
CA GLN B 259 22.05 -16.91 -26.13
C GLN B 259 21.78 -17.73 -24.87
N CYS B 260 20.57 -18.26 -24.77
CA CYS B 260 20.20 -19.05 -23.59
C CYS B 260 20.96 -20.37 -23.57
N GLY B 261 21.37 -20.84 -24.74
CA GLY B 261 22.22 -22.02 -24.82
C GLY B 261 21.54 -23.34 -24.53
N SER B 262 20.21 -23.34 -24.47
CA SER B 262 19.46 -24.58 -24.30
C SER B 262 19.56 -25.43 -25.56
N GLU B 263 19.51 -26.75 -25.39
CA GLU B 263 19.53 -27.66 -26.53
C GLU B 263 18.28 -27.50 -27.39
N LYS B 264 17.21 -26.99 -26.80
CA LYS B 264 15.98 -26.76 -27.54
C LYS B 264 15.70 -25.26 -27.69
N CYS B 265 16.77 -24.46 -27.76
CA CYS B 265 16.63 -23.02 -27.99
C CYS B 265 15.87 -22.76 -29.29
N LYS B 266 14.90 -21.84 -29.21
CA LYS B 266 14.00 -21.56 -30.33
C LYS B 266 14.37 -20.27 -31.05
N HIS B 267 15.30 -19.50 -30.51
CA HIS B 267 15.48 -18.13 -31.02
C HIS B 267 16.92 -17.77 -31.31
N SER B 268 17.78 -18.78 -31.41
CA SER B 268 19.12 -18.57 -31.95
C SER B 268 19.07 -18.29 -33.45
N ALA B 269 20.18 -17.80 -34.00
CA ALA B 269 20.26 -17.57 -35.44
C ALA B 269 19.95 -18.87 -36.17
N GLU B 270 20.52 -19.96 -35.68
CA GLU B 270 20.32 -21.28 -36.27
C GLU B 270 18.85 -21.73 -36.22
N ALA B 271 18.21 -21.56 -35.06
CA ALA B 271 16.83 -21.97 -34.89
C ALA B 271 15.91 -21.15 -35.79
N ILE B 272 16.20 -19.86 -35.93
CA ILE B 272 15.40 -19.00 -36.77
C ILE B 272 15.56 -19.41 -38.23
N ALA B 273 16.79 -19.73 -38.62
CA ALA B 273 17.08 -20.20 -39.97
C ALA B 273 16.29 -21.47 -40.29
N LEU B 274 16.26 -22.40 -39.33
CA LEU B 274 15.56 -23.66 -39.51
C LEU B 274 14.05 -23.48 -39.58
N GLU B 275 13.53 -22.50 -38.86
CA GLU B 275 12.10 -22.20 -38.93
C GLU B 275 11.78 -21.63 -40.30
N GLN B 276 12.71 -20.87 -40.85
CA GLN B 276 12.54 -20.24 -42.15
C GLN B 276 12.78 -21.20 -43.32
N SER B 277 12.96 -22.49 -43.02
CA SER B 277 13.15 -23.49 -44.06
C SER B 277 12.24 -24.69 -43.84
ZN ZN C . 12.51 12.49 0.52
ZN ZN D . 13.93 9.96 3.01
ZN ZN E . 15.81 13.11 2.28
ZN ZN F . -16.14 18.66 27.18
N SFG G . -18.64 7.34 20.32
CA SFG G . -18.82 7.16 18.88
C SFG G . -19.34 5.77 18.62
O SFG G . -19.66 5.05 19.59
OXT SFG G . -19.47 5.40 17.44
CB SFG G . -17.50 7.37 18.11
CG SFG G . -17.14 8.84 17.94
CD SFG G . -17.90 9.52 16.80
NE SFG G . -16.99 9.90 15.73
C5' SFG G . -18.60 10.79 17.29
C4' SFG G . -19.86 10.55 18.12
O4' SFG G . -19.52 10.08 19.43
C3' SFG G . -20.63 11.84 18.37
O3' SFG G . -21.58 12.09 17.33
C2' SFG G . -21.30 11.56 19.70
O2' SFG G . -22.41 10.68 19.54
C1' SFG G . -20.25 10.78 20.47
N9 SFG G . -19.30 11.68 21.17
C8 SFG G . -18.00 11.89 20.84
N7 SFG G . -17.44 12.76 21.71
C5 SFG G . -18.41 13.08 22.62
C6 SFG G . -18.43 13.90 23.73
N6 SFG G . -17.33 14.59 24.11
N1 SFG G . -19.58 14.01 24.44
C2 SFG G . -20.68 13.34 24.07
N3 SFG G . -20.70 12.54 22.99
C4 SFG G . -19.56 12.39 22.27
C01 A1L07 H . -8.51 20.65 9.91
C02 A1L07 H . -9.54 20.02 10.80
N03 A1L07 H . -10.78 19.49 10.45
C04 A1L07 H . -11.45 19.03 11.61
C05 A1L07 H . -12.77 18.38 11.55
O06 A1L07 H . -13.24 18.21 10.41
N07 A1L07 H . -13.52 17.97 12.64
C08 A1L07 H . -14.85 17.28 12.44
C09 A1L07 H . -15.35 16.67 13.78
C10 A1L07 H . -14.52 15.41 14.15
C11 A1L07 H . -14.80 14.20 13.22
C12 A1L07 H . -16.17 13.59 13.49
C13 A1L07 H . -15.98 18.26 11.77
O14 A1L07 H . -15.85 19.47 11.95
N15 A1L07 H . -17.06 17.72 11.02
C16 A1L07 H . -18.18 18.40 10.37
C17 A1L07 H . -19.49 18.00 10.60
C18 A1L07 H . -20.61 18.64 9.98
C19 A1L07 H . -20.44 19.70 9.10
O20 A1L07 H . -21.55 20.29 8.53
C21 A1L07 H . -21.78 20.04 7.11
C22 A1L07 H . -22.07 18.57 6.76
C23 A1L07 H . -23.32 18.09 7.51
N24 A1L07 H . -24.59 18.88 7.16
C25 A1L07 H . -24.94 18.65 5.81
C26 A1L07 H . -24.24 20.37 7.36
C27 A1L07 H . -23.00 20.80 6.58
C28 A1L07 H . -19.12 20.12 8.86
C29 A1L07 H . -18.00 19.48 9.48
C30 A1L07 H . -10.59 19.24 12.71
C31 A1L07 H . -10.82 18.89 14.13
C32 A1L07 H . -9.41 19.87 12.18
C33 A1L07 H . -8.16 20.36 12.79
O34 A1L07 H . -7.97 20.31 13.99
C35 A1L07 H . -7.04 20.94 11.92
C36 A1L07 H . -7.07 20.50 10.45
C37 A1L07 H . -6.06 21.31 9.61
C38 A1L07 H . -6.66 19.03 10.38
ZN ZN I . -12.13 -12.64 -0.98
ZN ZN J . -9.85 -14.08 1.73
ZN ZN K . -12.99 -15.91 0.70
ZN ZN L . 17.15 -19.67 -26.43
N SFG M . 19.94 -8.43 -19.37
CA SFG M . 19.17 -7.20 -19.31
C SFG M . 19.99 -6.11 -18.67
O SFG M . 21.19 -6.33 -18.42
OXT SFG M . 19.45 -5.02 -18.40
CB SFG M . 17.87 -7.43 -18.52
CG SFG M . 16.80 -8.13 -19.37
CD SFG M . 16.09 -7.19 -20.34
NE SFG M . 14.70 -7.06 -19.93
C5' SFG M . 16.08 -7.79 -21.76
C4' SFG M . 17.42 -7.65 -22.49
O4' SFG M . 18.37 -8.58 -21.98
C3' SFG M . 17.29 -7.98 -23.96
O3' SFG M . 17.00 -6.80 -24.75
C2' SFG M . 18.67 -8.50 -24.31
O2' SFG M . 19.57 -7.40 -24.43
C1' SFG M . 19.04 -9.26 -23.04
N9 SFG M . 18.56 -10.67 -23.10
C8 SFG M . 17.58 -11.19 -22.34
N7 SFG M . 17.43 -12.49 -22.65
C5 SFG M . 18.35 -12.79 -23.59
C6 SFG M . 18.65 -13.96 -24.29
N6 SFG M . 17.98 -15.11 -24.03
N1 SFG M . 19.65 -13.92 -25.20
C2 SFG M . 20.30 -12.79 -25.45
N3 SFG M . 20.03 -11.65 -24.82
C4 SFG M . 19.06 -11.64 -23.88
C01 A1L07 N . 0.59 -11.71 -21.75
C02 A1L07 N . 2.05 -11.63 -22.03
N03 A1L07 N . 2.78 -10.55 -22.48
C04 A1L07 N . 4.11 -10.89 -22.64
C05 A1L07 N . 5.11 -9.89 -23.08
O06 A1L07 N . 4.67 -8.74 -23.25
N07 A1L07 N . 6.48 -10.15 -23.30
C08 A1L07 N . 7.40 -9.05 -23.65
C09 A1L07 N . 8.87 -9.56 -23.53
C10 A1L07 N . 9.22 -9.73 -22.02
C11 A1L07 N . 9.28 -8.39 -21.24
C12 A1L07 N . 10.52 -7.57 -21.64
C13 A1L07 N . 7.12 -8.44 -25.11
O14 A1L07 N . 6.55 -9.14 -25.94
N15 A1L07 N . 7.52 -7.11 -25.38
C16 A1L07 N . 7.41 -6.38 -26.62
C17 A1L07 N . 8.49 -5.69 -27.12
C18 A1L07 N . 8.43 -4.95 -28.35
C19 A1L07 N . 7.25 -4.88 -29.08
O20 A1L07 N . 7.25 -4.15 -30.25
C21 A1L07 N . 6.24 -3.13 -30.39
C22 A1L07 N . 6.51 -1.92 -29.52
C23 A1L07 N . 7.97 -1.48 -29.69
N24 A1L07 N . 8.39 -1.18 -31.14
C25 A1L07 N . 7.96 0.12 -31.52
C26 A1L07 N . 7.77 -2.24 -32.07
C27 A1L07 N . 6.30 -2.53 -31.79
C28 A1L07 N . 6.14 -5.56 -28.58
C29 A1L07 N . 6.21 -6.32 -27.36
C30 A1L07 N . 4.28 -12.23 -22.23
C31 A1L07 N . 5.51 -13.04 -22.18
C32 A1L07 N . 2.95 -12.67 -21.85
C33 A1L07 N . 2.45 -13.96 -21.39
O34 A1L07 N . 3.18 -14.92 -21.21
C35 A1L07 N . 0.93 -14.12 -21.09
C36 A1L07 N . 0.19 -12.81 -20.72
C37 A1L07 N . -1.32 -13.02 -20.69
C38 A1L07 N . 0.62 -12.40 -19.32
#